data_5FCG
#
_entry.id   5FCG
#
_cell.length_a   63.777
_cell.length_b   82.990
_cell.length_c   33.487
_cell.angle_alpha   90.00
_cell.angle_beta   90.00
_cell.angle_gamma   90.00
#
_symmetry.space_group_name_H-M   'P 21 21 2'
#
loop_
_entity.id
_entity.type
_entity.pdbx_description
1 polymer 'Apoptosis regulator Bcl-2'
2 polymer 'Protein X'
3 water water
#
loop_
_entity_poly.entity_id
_entity_poly.type
_entity_poly.pdbx_seq_one_letter_code
_entity_poly.pdbx_strand_id
1 'polypeptide(L)'
;AHMAHAGRSGYDNREIVMKYIHYKLSQRGYEWDAGDDAEENRTEAPEGTESEVVHLALRQAGDDFSRRYRRDFAEMSSQL
HLTPFTARGCFATVVEELFRDGVNWGRIVAFFEFGGVMCVESVNREMSPLVDNIALWMTEYLNRHLHTWIQDNGGWDAFV
ELYGPSMR
;
A
2 'polypeptide(L)' EYIKDCVFKDWEELGEEIRLKVFVLG C
#
# COMPACT_ATOMS: atom_id res chain seq x y z
N ARG A 8 -14.40 15.42 -2.34
CA ARG A 8 -14.32 14.47 -3.42
C ARG A 8 -12.86 14.30 -3.85
N SER A 9 -11.97 15.00 -3.16
CA SER A 9 -10.55 14.73 -3.26
C SER A 9 -10.30 13.40 -2.55
N GLY A 10 -11.14 13.10 -1.57
CA GLY A 10 -11.11 11.84 -0.87
C GLY A 10 -11.48 10.70 -1.78
N TYR A 11 -12.48 10.93 -2.62
CA TYR A 11 -12.93 9.94 -3.62
C TYR A 11 -11.84 9.63 -4.64
N ASP A 12 -11.10 10.62 -5.07
CA ASP A 12 -10.05 10.33 -6.00
C ASP A 12 -9.01 9.37 -5.31
N ASN A 13 -8.73 9.61 -4.06
CA ASN A 13 -7.80 8.75 -3.31
C ASN A 13 -8.33 7.32 -3.16
N ARG A 14 -9.62 7.21 -2.85
CA ARG A 14 -10.31 5.93 -2.81
C ARG A 14 -10.21 5.18 -4.14
N GLU A 15 -10.53 5.84 -5.25
CA GLU A 15 -10.45 5.13 -6.54
C GLU A 15 -9.00 4.78 -6.92
N ILE A 16 -8.04 5.65 -6.59
CA ILE A 16 -6.64 5.26 -6.76
C ILE A 16 -6.36 3.94 -6.03
N VAL A 17 -6.76 3.85 -4.76
CA VAL A 17 -6.51 2.64 -3.96
C VAL A 17 -7.17 1.43 -4.61
N MET A 18 -8.43 1.54 -4.98
CA MET A 18 -9.26 0.47 -5.58
C MET A 18 -8.68 -0.10 -6.88
N LYS A 19 -8.25 0.77 -7.76
CA LYS A 19 -7.63 0.32 -9.00
C LYS A 19 -6.29 -0.37 -8.79
N TYR A 20 -5.44 0.24 -7.97
CA TYR A 20 -4.13 -0.35 -7.65
C TYR A 20 -4.26 -1.80 -7.14
N ILE A 21 -5.21 -2.03 -6.25
CA ILE A 21 -5.37 -3.33 -5.61
C ILE A 21 -5.96 -4.31 -6.62
N HIS A 22 -6.98 -3.83 -7.35
CA HIS A 22 -7.56 -4.61 -8.44
C HIS A 22 -6.49 -5.17 -9.40
N TYR A 23 -5.60 -4.31 -9.88
CA TYR A 23 -4.56 -4.77 -10.80
C TYR A 23 -3.54 -5.69 -10.10
N LYS A 24 -3.13 -5.34 -8.88
CA LYS A 24 -2.19 -6.17 -8.14
C LYS A 24 -2.72 -7.61 -8.03
N LEU A 25 -4.02 -7.75 -7.78
CA LEU A 25 -4.65 -9.07 -7.69
C LEU A 25 -4.97 -9.67 -9.06
N SER A 26 -5.47 -8.85 -9.98
CA SER A 26 -5.75 -9.29 -11.33
C SER A 26 -4.55 -9.97 -11.94
N GLN A 27 -3.40 -9.39 -11.75
CA GLN A 27 -2.21 -9.89 -12.37
C GLN A 27 -1.66 -11.15 -11.74
N ARG A 28 -2.25 -11.55 -10.65
CA ARG A 28 -1.90 -12.82 -10.06
C ARG A 28 -3.11 -13.74 -9.97
N GLY A 29 -4.04 -13.55 -10.88
CA GLY A 29 -5.19 -14.38 -11.01
C GLY A 29 -6.32 -14.46 -10.05
N TYR A 30 -6.51 -13.42 -9.27
CA TYR A 30 -7.64 -13.27 -8.41
C TYR A 30 -8.41 -12.01 -8.81
N GLU A 31 -9.65 -12.20 -9.12
CA GLU A 31 -10.48 -11.02 -9.45
CA GLU A 31 -10.49 -10.98 -9.37
C GLU A 31 -11.31 -10.26 -8.23
N TRP A 32 -11.13 -8.95 -8.27
CA TRP A 32 -11.56 -8.11 -7.16
C TRP A 32 -11.75 -6.70 -7.71
N ASP A 33 -12.85 -6.11 -7.36
CA ASP A 33 -13.27 -4.91 -7.94
C ASP A 33 -14.07 -4.06 -7.03
N ALA A 34 -13.56 -2.91 -6.71
CA ALA A 34 -14.26 -2.05 -5.76
C ALA A 34 -14.39 -0.61 -6.28
N GLY A 35 -14.22 -0.44 -7.59
CA GLY A 35 -14.39 0.86 -8.20
C GLY A 35 -15.82 1.36 -8.12
N ASP A 36 -15.99 2.65 -7.92
CA ASP A 36 -17.31 3.21 -7.90
C ASP A 36 -17.60 4.13 -9.08
N ASP A 37 -16.70 4.20 -10.04
CA ASP A 37 -16.76 5.24 -11.00
C ASP A 37 -18.10 5.18 -11.69
N ALA A 38 -18.49 3.99 -12.09
CA ALA A 38 -19.85 3.80 -12.56
C ALA A 38 -20.63 2.52 -12.24
N GLU A 39 -21.92 2.72 -12.19
CA GLU A 39 -23.02 1.82 -11.84
C GLU A 39 -23.64 2.44 -10.62
N GLU A 40 -22.73 2.82 -9.72
CA GLU A 40 -22.88 3.26 -8.39
C GLU A 40 -21.79 4.27 -8.18
N GLY A 48 -7.92 7.40 -19.82
CA GLY A 48 -6.84 8.08 -19.10
C GLY A 48 -7.32 8.75 -17.83
N THR A 49 -8.07 8.00 -17.02
CA THR A 49 -8.59 8.52 -15.77
C THR A 49 -7.53 8.50 -14.66
N GLU A 50 -7.61 9.46 -13.75
CA GLU A 50 -6.65 9.55 -12.65
C GLU A 50 -6.24 8.22 -12.05
N SER A 51 -7.22 7.39 -11.73
CA SER A 51 -6.98 6.07 -11.17
C SER A 51 -6.05 5.21 -12.00
N GLU A 52 -6.27 5.23 -13.32
CA GLU A 52 -5.51 4.39 -14.22
C GLU A 52 -4.07 4.89 -14.38
N VAL A 53 -3.90 6.19 -14.60
CA VAL A 53 -2.58 6.76 -14.82
C VAL A 53 -1.75 6.74 -13.52
N VAL A 54 -2.37 7.00 -12.38
CA VAL A 54 -1.64 6.91 -11.10
C VAL A 54 -1.26 5.46 -10.85
N HIS A 55 -2.14 4.55 -11.16
CA HIS A 55 -1.82 3.13 -11.07
C HIS A 55 -0.49 2.84 -11.78
N LEU A 56 -0.38 3.23 -13.02
CA LEU A 56 0.77 2.88 -13.80
C LEU A 56 2.07 3.37 -13.17
N ALA A 57 2.10 4.58 -12.60
CA ALA A 57 3.27 5.12 -11.92
C ALA A 57 3.58 4.40 -10.62
N LEU A 58 2.53 4.25 -9.81
CA LEU A 58 2.57 3.51 -8.57
C LEU A 58 3.15 2.17 -8.89
N ARG A 59 2.77 1.62 -10.04
CA ARG A 59 3.23 0.27 -10.32
C ARG A 59 4.71 0.23 -10.72
N GLN A 60 5.19 1.23 -11.39
CA GLN A 60 6.54 1.28 -11.81
C GLN A 60 7.46 1.64 -10.66
N ALA A 61 7.08 2.67 -9.92
CA ALA A 61 7.83 3.05 -8.77
C ALA A 61 7.90 1.92 -7.68
N GLY A 62 6.84 1.14 -7.52
CA GLY A 62 6.77 0.04 -6.58
C GLY A 62 7.57 -1.20 -6.94
N ASP A 63 7.77 -1.36 -8.23
CA ASP A 63 8.56 -2.42 -8.76
C ASP A 63 10.00 -2.06 -8.53
N ASP A 64 10.40 -0.79 -8.68
CA ASP A 64 11.79 -0.46 -8.42
C ASP A 64 12.08 -0.72 -6.93
N PHE A 65 11.21 -0.23 -6.08
CA PHE A 65 11.20 -0.63 -4.66
C PHE A 65 11.43 -2.13 -4.30
N SER A 66 10.65 -2.96 -4.93
CA SER A 66 10.72 -4.36 -4.67
C SER A 66 12.09 -4.95 -4.99
N ARG A 67 12.65 -4.65 -6.16
CA ARG A 67 13.97 -5.13 -6.53
C ARG A 67 14.99 -4.68 -5.49
N ARG A 68 14.94 -3.40 -5.14
CA ARG A 68 15.81 -2.89 -4.11
C ARG A 68 15.62 -3.69 -2.81
N TYR A 69 14.38 -3.79 -2.34
CA TYR A 69 14.03 -4.47 -1.10
C TYR A 69 14.53 -5.90 -1.08
N ARG A 70 14.20 -6.63 -2.09
CA ARG A 70 14.43 -8.04 -2.10
C ARG A 70 15.89 -8.38 -2.29
N ARG A 71 16.65 -7.49 -2.86
CA ARG A 71 18.06 -7.65 -2.62
C ARG A 71 18.78 -8.11 -1.28
N ASP A 72 18.17 -7.34 -0.40
CA ASP A 72 18.74 -7.34 0.96
C ASP A 72 17.91 -8.08 1.99
N PHE A 73 16.61 -8.23 1.76
CA PHE A 73 15.72 -8.75 2.79
C PHE A 73 14.84 -9.89 2.30
N ALA A 74 14.31 -10.65 3.25
CA ALA A 74 13.35 -11.69 2.94
C ALA A 74 12.09 -11.04 2.39
N GLU A 75 11.29 -11.80 1.65
CA GLU A 75 10.09 -11.20 1.08
C GLU A 75 9.08 -10.87 2.17
N MET A 76 8.46 -9.71 2.05
CA MET A 76 7.63 -9.11 3.11
C MET A 76 6.47 -9.99 3.59
N SER A 77 6.00 -10.88 2.72
CA SER A 77 4.92 -11.79 3.06
C SER A 77 5.27 -12.67 4.26
N SER A 78 6.54 -12.87 4.54
CA SER A 78 7.01 -13.74 5.60
C SER A 78 7.08 -12.99 6.93
N GLN A 79 7.04 -11.69 6.86
CA GLN A 79 6.95 -10.86 8.04
C GLN A 79 5.53 -10.57 8.58
N LEU A 80 4.51 -10.97 7.88
CA LEU A 80 3.17 -10.54 8.18
C LEU A 80 2.44 -11.31 9.29
N HIS A 81 2.42 -12.61 9.19
CA HIS A 81 1.72 -13.46 10.13
C HIS A 81 0.25 -13.06 10.35
N LEU A 82 -0.38 -12.59 9.34
CA LEU A 82 -1.33 -13.24 8.60
C LEU A 82 -2.66 -13.75 9.26
N THR A 83 -3.38 -13.05 10.13
CA THR A 83 -4.76 -13.46 10.52
C THR A 83 -5.82 -12.42 10.52
N PRO A 84 -7.09 -12.83 10.47
CA PRO A 84 -8.11 -11.77 10.50
C PRO A 84 -8.10 -10.93 11.77
N PHE A 85 -7.57 -11.49 12.82
CA PHE A 85 -7.37 -10.77 14.06
C PHE A 85 -6.14 -9.88 14.02
N THR A 86 -5.06 -10.32 13.40
CA THR A 86 -3.81 -9.56 13.43
C THR A 86 -3.66 -8.44 12.38
N ALA A 87 -4.48 -8.51 11.35
CA ALA A 87 -4.36 -7.68 10.17
C ALA A 87 -4.39 -6.21 10.45
N ARG A 88 -5.32 -5.74 11.26
CA ARG A 88 -5.45 -4.32 11.62
C ARG A 88 -4.19 -3.83 12.31
N GLY A 89 -3.69 -4.62 13.25
CA GLY A 89 -2.48 -4.30 13.98
C GLY A 89 -1.27 -4.27 13.06
N CYS A 90 -1.17 -5.23 12.19
CA CYS A 90 -0.11 -5.30 11.24
C CYS A 90 -0.06 -4.06 10.33
N PHE A 91 -1.20 -3.69 9.78
CA PHE A 91 -1.29 -2.53 8.89
C PHE A 91 -0.86 -1.28 9.62
N ALA A 92 -1.47 -1.09 10.79
CA ALA A 92 -1.27 0.12 11.59
C ALA A 92 0.16 0.25 12.10
N THR A 93 0.78 -0.87 12.46
CA THR A 93 2.12 -0.79 13.03
C THR A 93 3.15 -0.43 11.97
N VAL A 94 3.15 -1.17 10.87
CA VAL A 94 4.08 -0.89 9.78
C VAL A 94 3.87 0.52 9.23
N VAL A 95 2.62 0.87 8.90
CA VAL A 95 2.38 2.20 8.30
C VAL A 95 2.82 3.37 9.20
N GLU A 96 2.37 3.37 10.44
CA GLU A 96 2.78 4.40 11.40
C GLU A 96 4.32 4.46 11.55
N GLU A 97 4.95 3.32 11.48
CA GLU A 97 6.40 3.26 11.54
C GLU A 97 7.04 3.90 10.34
N LEU A 98 6.52 3.57 9.17
CA LEU A 98 6.98 4.11 7.89
C LEU A 98 6.98 5.64 7.84
N PHE A 99 5.89 6.25 8.32
CA PHE A 99 5.69 7.70 8.18
C PHE A 99 5.92 8.53 9.44
N ARG A 100 6.47 7.94 10.50
CA ARG A 100 6.56 8.64 11.78
C ARG A 100 7.33 9.97 11.75
N ASP A 101 8.41 10.06 10.99
CA ASP A 101 9.12 11.33 11.01
C ASP A 101 8.94 12.05 9.68
N GLY A 102 7.99 11.60 8.86
CA GLY A 102 7.65 12.36 7.68
C GLY A 102 7.07 11.61 6.48
N VAL A 103 6.60 12.42 5.53
CA VAL A 103 6.01 11.94 4.30
C VAL A 103 6.84 12.42 3.08
N ASN A 104 7.13 11.51 2.16
CA ASN A 104 7.67 11.87 0.85
C ASN A 104 7.16 10.87 -0.18
N TRP A 105 7.45 11.10 -1.46
CA TRP A 105 6.87 10.27 -2.52
C TRP A 105 7.23 8.78 -2.42
N GLY A 106 8.50 8.49 -2.16
CA GLY A 106 8.96 7.11 -2.02
C GLY A 106 8.35 6.37 -0.82
N ARG A 107 8.13 7.07 0.27
CA ARG A 107 7.39 6.55 1.37
C ARG A 107 5.94 6.21 0.95
N ILE A 108 5.37 7.08 0.14
CA ILE A 108 4.00 6.85 -0.33
C ILE A 108 3.99 5.64 -1.26
N VAL A 109 5.01 5.53 -2.10
CA VAL A 109 5.21 4.36 -2.95
C VAL A 109 5.33 3.05 -2.17
N ALA A 110 6.14 3.06 -1.10
CA ALA A 110 6.32 1.89 -0.23
C ALA A 110 5.02 1.49 0.49
N PHE A 111 4.27 2.48 0.95
CA PHE A 111 2.94 2.30 1.54
C PHE A 111 2.03 1.47 0.66
N PHE A 112 1.78 1.97 -0.56
CA PHE A 112 1.04 1.21 -1.57
C PHE A 112 1.61 -0.18 -1.85
N GLU A 113 2.91 -0.31 -2.06
CA GLU A 113 3.57 -1.63 -2.20
C GLU A 113 3.25 -2.50 -0.98
N PHE A 114 3.41 -1.94 0.22
CA PHE A 114 3.14 -2.73 1.42
C PHE A 114 1.69 -3.22 1.43
N GLY A 115 0.77 -2.28 1.23
CA GLY A 115 -0.65 -2.57 1.08
C GLY A 115 -0.92 -3.71 0.13
N GLY A 116 -0.23 -3.69 -1.00
CA GLY A 116 -0.44 -4.68 -2.04
C GLY A 116 -0.08 -6.08 -1.60
N VAL A 117 1.07 -6.25 -0.96
CA VAL A 117 1.47 -7.59 -0.56
C VAL A 117 0.55 -8.09 0.55
N MET A 118 0.00 -7.19 1.37
CA MET A 118 -0.96 -7.62 2.37
C MET A 118 -2.21 -8.23 1.72
N CYS A 119 -2.70 -7.57 0.68
CA CYS A 119 -3.82 -8.08 -0.11
C CYS A 119 -3.48 -9.42 -0.71
N VAL A 120 -2.36 -9.47 -1.42
CA VAL A 120 -1.88 -10.69 -2.04
C VAL A 120 -1.74 -11.84 -1.00
N GLU A 121 -1.21 -11.54 0.17
CA GLU A 121 -1.04 -12.56 1.18
C GLU A 121 -2.41 -13.02 1.69
N SER A 122 -3.35 -12.07 1.81
CA SER A 122 -4.68 -12.37 2.31
C SER A 122 -5.37 -13.41 1.42
N VAL A 123 -5.22 -13.25 0.12
CA VAL A 123 -5.77 -14.23 -0.80
C VAL A 123 -5.02 -15.55 -0.66
N ASN A 124 -3.72 -15.48 -0.44
CA ASN A 124 -2.92 -16.66 -0.24
C ASN A 124 -3.31 -17.44 0.95
N ARG A 125 -3.62 -16.74 2.03
CA ARG A 125 -3.93 -17.30 3.31
C ARG A 125 -5.41 -17.63 3.43
N GLU A 126 -6.06 -17.64 2.30
CA GLU A 126 -7.47 -17.92 2.23
C GLU A 126 -8.23 -17.00 3.13
N MET A 127 -7.82 -15.75 3.23
CA MET A 127 -8.54 -14.74 3.95
C MET A 127 -8.95 -13.59 3.03
N SER A 128 -9.43 -13.91 1.87
CA SER A 128 -9.93 -13.02 0.85
C SER A 128 -10.64 -11.75 1.29
N PRO A 129 -11.63 -11.95 2.28
CA PRO A 129 -12.30 -10.73 2.75
C PRO A 129 -11.46 -9.60 3.34
N LEU A 130 -10.29 -9.95 3.84
CA LEU A 130 -9.36 -8.98 4.35
C LEU A 130 -8.94 -7.96 3.30
N VAL A 131 -8.97 -8.33 2.04
CA VAL A 131 -8.60 -7.42 0.96
C VAL A 131 -9.42 -6.16 1.10
N ASP A 132 -10.70 -6.34 1.42
CA ASP A 132 -11.63 -5.22 1.53
C ASP A 132 -11.34 -4.31 2.73
N ASN A 133 -11.03 -4.89 3.89
CA ASN A 133 -10.48 -4.11 5.02
C ASN A 133 -9.21 -3.30 4.69
N ILE A 134 -8.28 -3.93 3.98
CA ILE A 134 -6.99 -3.29 3.69
C ILE A 134 -7.20 -2.08 2.75
N ALA A 135 -8.05 -2.26 1.75
CA ALA A 135 -8.41 -1.18 0.84
C ALA A 135 -8.90 0.05 1.60
N LEU A 136 -9.82 -0.17 2.54
CA LEU A 136 -10.42 0.96 3.26
C LEU A 136 -9.51 1.52 4.32
N TRP A 137 -8.60 0.70 4.83
CA TRP A 137 -7.59 1.20 5.73
C TRP A 137 -6.66 2.09 4.94
N MET A 138 -6.27 1.64 3.75
CA MET A 138 -5.35 2.44 2.93
C MET A 138 -6.00 3.75 2.50
N THR A 139 -7.28 3.70 2.13
CA THR A 139 -8.02 4.90 1.70
C THR A 139 -8.08 5.94 2.81
N GLU A 140 -8.51 5.52 4.00
CA GLU A 140 -8.60 6.47 5.09
C GLU A 140 -7.21 6.90 5.59
N TYR A 141 -6.19 6.05 5.52
CA TYR A 141 -4.88 6.57 5.91
C TYR A 141 -4.48 7.70 4.95
N LEU A 142 -4.70 7.49 3.66
CA LEU A 142 -4.39 8.51 2.65
C LEU A 142 -5.07 9.84 2.94
N ASN A 143 -6.40 9.78 3.11
CA ASN A 143 -7.22 10.96 3.29
C ASN A 143 -7.09 11.58 4.66
N ARG A 144 -6.58 10.82 5.61
CA ARG A 144 -6.36 11.42 6.88
C ARG A 144 -4.93 11.95 7.05
N HIS A 145 -3.94 11.22 6.61
CA HIS A 145 -2.54 11.57 6.91
C HIS A 145 -1.63 11.90 5.73
N LEU A 146 -2.04 11.62 4.50
CA LEU A 146 -1.13 11.80 3.38
C LEU A 146 -1.58 12.90 2.45
N HIS A 147 -2.88 13.12 2.37
CA HIS A 147 -3.47 14.09 1.46
C HIS A 147 -2.86 15.50 1.49
N THR A 148 -2.73 16.08 2.68
CA THR A 148 -2.18 17.43 2.81
C THR A 148 -0.80 17.52 2.16
N TRP A 149 0.07 16.58 2.52
CA TRP A 149 1.41 16.55 1.93
C TRP A 149 1.36 16.39 0.41
N ILE A 150 0.58 15.49 -0.11
CA ILE A 150 0.45 15.32 -1.53
C ILE A 150 -0.05 16.62 -2.22
N GLN A 151 -1.11 17.23 -1.68
CA GLN A 151 -1.62 18.51 -2.20
C GLN A 151 -0.53 19.62 -2.19
N ASP A 152 0.42 19.50 -1.28
CA ASP A 152 1.43 20.50 -1.13
C ASP A 152 2.63 20.30 -2.02
N ASN A 153 2.69 19.15 -2.67
CA ASN A 153 3.72 18.81 -3.51
C ASN A 153 3.24 18.58 -4.91
N GLY A 154 2.24 19.31 -5.33
CA GLY A 154 1.78 19.28 -6.71
C GLY A 154 0.72 18.22 -6.96
N GLY A 155 0.25 17.58 -5.90
CA GLY A 155 -0.80 16.59 -6.03
C GLY A 155 -0.34 15.39 -6.83
N TRP A 156 -1.25 14.47 -7.08
CA TRP A 156 -0.92 13.26 -7.81
C TRP A 156 -0.37 13.53 -9.20
N ASP A 157 -0.76 14.64 -9.80
CA ASP A 157 -0.28 14.93 -11.15
C ASP A 157 1.24 15.06 -11.21
N ALA A 158 1.82 15.70 -10.20
CA ALA A 158 3.27 15.80 -10.10
C ALA A 158 3.93 14.43 -9.99
N PHE A 159 3.27 13.47 -9.33
CA PHE A 159 3.84 12.14 -9.18
C PHE A 159 3.82 11.37 -10.51
N VAL A 160 2.68 11.36 -11.20
CA VAL A 160 2.60 10.65 -12.49
C VAL A 160 3.64 11.16 -13.48
N GLU A 161 3.86 12.44 -13.46
CA GLU A 161 4.80 13.04 -14.39
C GLU A 161 6.22 12.68 -14.08
N LEU A 162 6.48 12.15 -12.91
CA LEU A 162 7.82 11.67 -12.61
C LEU A 162 8.01 10.28 -13.20
N TYR A 163 6.94 9.72 -13.75
CA TYR A 163 6.99 8.39 -14.26
C TYR A 163 6.54 8.32 -15.72
N GLY A 164 6.72 9.46 -16.37
CA GLY A 164 6.71 9.58 -17.82
C GLY A 164 8.10 9.19 -18.29
N GLU B 1 -6.26 -9.50 21.83
CA GLU B 1 -5.79 -10.57 22.67
C GLU B 1 -5.76 -11.92 21.94
N TYR B 2 -4.57 -12.34 21.50
CA TYR B 2 -3.42 -11.44 21.50
C TYR B 2 -2.51 -11.60 20.28
N ILE B 3 -1.80 -10.52 19.97
CA ILE B 3 -0.66 -10.53 19.05
C ILE B 3 0.60 -10.87 19.84
N LYS B 4 1.33 -11.83 19.44
CA LYS B 4 2.52 -12.20 20.17
C LYS B 4 3.60 -11.15 19.97
N ASP B 5 4.39 -10.93 20.98
CA ASP B 5 5.48 -9.96 20.89
C ASP B 5 6.37 -10.26 19.70
N CYS B 6 6.72 -11.54 19.60
CA CYS B 6 7.31 -12.19 18.47
C CYS B 6 6.78 -11.73 17.11
N VAL B 7 5.47 -11.57 16.97
CA VAL B 7 4.91 -11.06 15.71
C VAL B 7 5.03 -9.53 15.64
N PHE B 8 4.76 -8.86 16.76
CA PHE B 8 4.94 -7.41 16.82
C PHE B 8 6.37 -6.99 16.45
N LYS B 9 7.36 -7.71 16.98
CA LYS B 9 8.76 -7.44 16.66
C LYS B 9 9.00 -7.45 15.16
N ASP B 10 8.49 -8.48 14.48
CA ASP B 10 8.53 -8.70 13.02
C ASP B 10 7.94 -7.48 12.26
N TRP B 11 6.86 -6.90 12.76
CA TRP B 11 6.26 -5.74 12.10
C TRP B 11 7.16 -4.53 12.26
N GLU B 12 7.72 -4.38 13.46
CA GLU B 12 8.68 -3.31 13.72
C GLU B 12 9.88 -3.42 12.78
N GLU B 13 10.29 -4.64 12.60
CA GLU B 13 11.45 -4.99 11.91
C GLU B 13 11.14 -4.68 10.38
N LEU B 14 10.01 -5.15 9.92
CA LEU B 14 9.46 -4.92 8.58
C LEU B 14 9.37 -3.43 8.26
N GLY B 15 8.82 -2.66 9.19
CA GLY B 15 8.71 -1.22 9.00
C GLY B 15 10.05 -0.52 8.76
N GLU B 16 11.05 -0.88 9.57
CA GLU B 16 12.37 -0.26 9.49
C GLU B 16 13.09 -0.65 8.20
N GLU B 17 12.99 -1.93 7.84
CA GLU B 17 13.52 -2.42 6.59
C GLU B 17 12.90 -1.64 5.43
N ILE B 18 11.58 -1.52 5.44
CA ILE B 18 10.88 -0.71 4.44
C ILE B 18 11.51 0.70 4.34
N ARG B 19 11.61 1.39 5.48
CA ARG B 19 12.13 2.75 5.52
C ARG B 19 13.54 2.87 4.94
N LEU B 20 14.34 1.82 5.10
CA LEU B 20 15.73 1.86 4.66
C LEU B 20 15.80 1.75 3.14
N LYS B 21 14.75 1.22 2.54
CA LYS B 21 14.69 1.05 1.14
C LYS B 21 14.00 2.11 0.32
N VAL B 22 13.50 3.15 0.97
CA VAL B 22 12.77 4.24 0.34
C VAL B 22 13.69 5.22 -0.41
N PHE B 23 13.41 5.51 -1.68
CA PHE B 23 14.04 6.69 -2.28
C PHE B 23 13.05 7.82 -2.16
N VAL B 24 13.50 8.95 -1.61
CA VAL B 24 12.64 10.11 -1.38
C VAL B 24 11.73 10.44 -2.58
N LEU B 25 12.34 10.56 -3.76
CA LEU B 25 11.60 10.97 -4.96
C LEU B 25 10.71 9.87 -5.51
N GLY B 26 10.80 8.68 -4.94
CA GLY B 26 10.02 7.54 -5.41
C GLY B 26 10.81 6.24 -5.44
#